data_7OKJ
#
_entry.id   7OKJ
#
_cell.length_a   67.470
_cell.length_b   67.470
_cell.length_c   165.490
_cell.angle_alpha   90.000
_cell.angle_beta   90.000
_cell.angle_gamma   120.000
#
_symmetry.space_group_name_H-M   'P 61 2 2'
#
loop_
_entity.id
_entity.type
_entity.pdbx_description
1 polymer 'B-cell lymphoma 6 protein'
2 polymer ALA-TRP-VAL-ILE-PRO-ALA
3 non-polymer (2S)-2-[[6-[(2-chloranyl-3-cyano-pyridin-4-yl)amino]-2-oxidanylidene-1H-quinolin-4-yl]amino]-N-methyl-propanamide
4 non-polymer (2R)-2-[[6-[(2-chloranyl-3-cyano-pyridin-4-yl)amino]-2-oxidanylidene-1H-quinolin-4-yl]amino]-N-methyl-propanamide
5 non-polymer 1,2-ETHANEDIOL
6 non-polymer 'CHLORIDE ION'
7 water water
#
loop_
_entity_poly.entity_id
_entity_poly.type
_entity_poly.pdbx_seq_one_letter_code
_entity_poly.pdbx_strand_id
1 'polypeptide(L)'
;GPGADSCIQFTRHASDVLLNLNRLRSRDILTDVVIVVSREQFRAHKTVLMACSGLFYSIFTDQLKCNLSVINLDPEINPE
GFCILLDFMYTSRLNLREGNIMAVMATAMYLQMEHVVDTCRKFIKASE
;
A
2 'polypeptide(L)' AWVIPA B
#
# COMPACT_ATOMS: atom_id res chain seq x y z
N ALA A 4 -7.43 28.15 7.60
CA ALA A 4 -7.73 28.83 8.86
C ALA A 4 -7.63 27.88 10.06
N ASP A 5 -7.36 28.45 11.24
CA ASP A 5 -7.30 27.65 12.47
C ASP A 5 -8.68 27.44 13.13
N SER A 6 -9.76 27.95 12.52
CA SER A 6 -11.11 27.79 13.04
C SER A 6 -11.84 26.56 12.46
N CYS A 7 -11.13 25.66 11.76
CA CYS A 7 -11.73 24.48 11.15
CA CYS A 7 -11.76 24.50 11.14
C CYS A 7 -12.33 23.51 12.16
N ILE A 8 -13.34 22.76 11.75
CA ILE A 8 -13.87 21.63 12.51
C ILE A 8 -13.36 20.41 11.70
N GLN A 9 -13.34 19.24 12.30
CA GLN A 9 -12.78 18.05 11.67
C GLN A 9 -13.75 16.87 11.78
N PHE A 10 -13.92 16.11 10.69
CA PHE A 10 -14.76 14.92 10.72
C PHE A 10 -13.84 13.73 10.95
N THR A 11 -13.91 13.18 12.13
N THR A 11 -13.90 13.15 12.14
CA THR A 11 -13.04 12.11 12.59
CA THR A 11 -13.01 12.07 12.60
C THR A 11 -12.91 10.93 11.60
C THR A 11 -12.93 10.82 11.73
N ARG A 12 -14.04 10.45 11.08
CA ARG A 12 -14.04 9.26 10.22
C ARG A 12 -13.72 9.52 8.77
N HIS A 13 -13.51 10.77 8.37
CA HIS A 13 -13.34 11.09 6.96
C HIS A 13 -12.21 10.32 6.28
N ALA A 14 -11.01 10.31 6.84
CA ALA A 14 -9.88 9.66 6.19
C ALA A 14 -10.12 8.16 6.03
N SER A 15 -10.66 7.49 7.06
N SER A 15 -10.67 7.52 7.06
N SER A 15 -10.66 7.51 7.05
CA SER A 15 -10.93 6.05 6.95
CA SER A 15 -10.98 6.09 7.02
CA SER A 15 -10.97 6.09 6.99
C SER A 15 -12.04 5.78 5.92
C SER A 15 -12.04 5.81 5.95
C SER A 15 -12.03 5.81 5.93
N ASP A 16 -13.04 6.68 5.85
CA ASP A 16 -14.12 6.52 4.85
C ASP A 16 -13.58 6.73 3.42
N VAL A 17 -12.62 7.67 3.23
CA VAL A 17 -12.02 7.85 1.92
C VAL A 17 -11.26 6.57 1.54
N LEU A 18 -10.48 6.03 2.47
CA LEU A 18 -9.69 4.83 2.17
C LEU A 18 -10.59 3.65 1.83
N LEU A 19 -11.73 3.53 2.54
N LEU A 19 -11.75 3.52 2.56
CA LEU A 19 -12.68 2.46 2.24
CA LEU A 19 -12.74 2.45 2.29
C LEU A 19 -13.20 2.58 0.81
C LEU A 19 -13.24 2.58 0.84
N ASN A 20 -13.53 3.82 0.41
CA ASN A 20 -14.00 4.04 -0.95
C ASN A 20 -12.92 3.80 -2.00
N LEU A 21 -11.65 4.17 -1.69
CA LEU A 21 -10.57 3.88 -2.64
C LEU A 21 -10.41 2.36 -2.79
N ASN A 22 -10.57 1.60 -1.70
CA ASN A 22 -10.47 0.13 -1.81
C ASN A 22 -11.65 -0.43 -2.60
N ARG A 23 -12.85 0.16 -2.46
CA ARG A 23 -13.99 -0.29 -3.24
C ARG A 23 -13.76 -0.01 -4.72
N LEU A 24 -13.15 1.16 -5.06
CA LEU A 24 -12.82 1.42 -6.46
C LEU A 24 -11.80 0.39 -6.97
N ARG A 25 -10.79 0.07 -6.14
CA ARG A 25 -9.82 -0.95 -6.53
C ARG A 25 -10.49 -2.31 -6.79
N SER A 26 -11.38 -2.74 -5.89
N SER A 26 -11.41 -2.72 -5.89
N SER A 26 -11.39 -2.73 -5.89
CA SER A 26 -12.07 -4.04 -6.05
CA SER A 26 -12.18 -3.98 -5.95
CA SER A 26 -12.08 -4.02 -6.04
C SER A 26 -12.89 -4.10 -7.33
C SER A 26 -13.02 -4.10 -7.23
C SER A 26 -12.86 -4.09 -7.35
N ARG A 27 -13.48 -2.97 -7.73
CA ARG A 27 -14.28 -2.90 -8.94
C ARG A 27 -13.48 -2.49 -10.18
N ASP A 28 -12.16 -2.30 -10.03
CA ASP A 28 -11.27 -1.92 -11.12
C ASP A 28 -11.64 -0.57 -11.73
N ILE A 29 -12.09 0.36 -10.90
CA ILE A 29 -12.50 1.68 -11.33
C ILE A 29 -11.36 2.67 -11.22
N LEU A 30 -10.98 3.23 -12.37
N LEU A 30 -10.98 3.28 -12.34
CA LEU A 30 -9.93 4.22 -12.54
CA LEU A 30 -9.94 4.30 -12.40
C LEU A 30 -8.56 3.78 -12.06
C LEU A 30 -8.54 3.80 -12.03
N THR A 31 -8.33 2.47 -12.00
CA THR A 31 -6.99 1.93 -11.76
C THR A 31 -6.14 2.28 -12.99
N ASP A 32 -4.91 2.68 -12.74
CA ASP A 32 -4.07 3.23 -13.79
C ASP A 32 -2.68 2.60 -13.87
N VAL A 33 -2.46 1.52 -13.13
CA VAL A 33 -1.20 0.82 -13.22
C VAL A 33 -1.39 -0.65 -12.88
N VAL A 34 -0.58 -1.49 -13.48
CA VAL A 34 -0.50 -2.91 -13.15
C VAL A 34 0.90 -3.13 -12.58
N ILE A 35 0.99 -3.70 -11.40
CA ILE A 35 2.26 -4.06 -10.75
C ILE A 35 2.44 -5.55 -11.00
N VAL A 36 3.57 -5.93 -11.63
CA VAL A 36 3.83 -7.33 -11.95
C VAL A 36 4.89 -7.84 -10.99
N VAL A 37 4.58 -8.96 -10.33
CA VAL A 37 5.44 -9.56 -9.32
C VAL A 37 5.57 -11.02 -9.71
N SER A 38 6.57 -11.27 -10.55
N SER A 38 6.60 -11.33 -10.50
CA SER A 38 6.79 -12.58 -11.13
CA SER A 38 6.84 -12.70 -10.96
C SER A 38 5.60 -12.95 -12.02
C SER A 38 5.65 -13.34 -11.63
N ARG A 39 4.94 -14.06 -11.75
N ARG A 39 5.10 -12.64 -12.62
CA ARG A 39 3.80 -14.41 -12.59
CA ARG A 39 3.93 -13.09 -13.40
C ARG A 39 2.48 -13.69 -12.26
C ARG A 39 2.57 -13.09 -12.67
N GLU A 40 2.46 -12.86 -11.22
N GLU A 40 2.53 -12.46 -11.51
CA GLU A 40 1.22 -12.23 -10.78
CA GLU A 40 1.28 -12.22 -10.79
C GLU A 40 1.10 -10.74 -11.09
C GLU A 40 1.08 -10.71 -11.04
N GLN A 41 -0.13 -10.32 -11.39
CA GLN A 41 -0.43 -8.93 -11.73
C GLN A 41 -1.39 -8.36 -10.73
N PHE A 42 -1.16 -7.11 -10.35
CA PHE A 42 -2.02 -6.44 -9.37
C PHE A 42 -2.39 -5.07 -9.89
N ARG A 43 -3.69 -4.78 -10.06
CA ARG A 43 -4.09 -3.48 -10.54
C ARG A 43 -4.26 -2.54 -9.33
N ALA A 44 -3.85 -1.27 -9.53
CA ALA A 44 -3.91 -0.32 -8.41
C ALA A 44 -4.00 1.12 -8.95
N HIS A 45 -4.09 2.10 -8.04
CA HIS A 45 -4.08 3.52 -8.35
C HIS A 45 -2.69 4.00 -7.98
N LYS A 46 -2.00 4.66 -8.91
CA LYS A 46 -0.67 5.18 -8.64
C LYS A 46 -0.65 6.11 -7.42
N THR A 47 -1.67 6.96 -7.25
CA THR A 47 -1.64 7.87 -6.11
C THR A 47 -1.67 7.17 -4.77
N VAL A 48 -2.43 6.06 -4.67
CA VAL A 48 -2.46 5.34 -3.40
C VAL A 48 -1.11 4.67 -3.16
N LEU A 49 -0.53 4.09 -4.21
CA LEU A 49 0.79 3.46 -4.05
C LEU A 49 1.83 4.47 -3.58
N MET A 50 1.87 5.67 -4.20
CA MET A 50 2.82 6.72 -3.83
C MET A 50 2.59 7.17 -2.39
N ALA A 51 1.33 7.28 -1.99
CA ALA A 51 0.99 7.76 -0.66
C ALA A 51 1.42 6.78 0.43
N CYS A 52 1.68 5.51 0.06
CA CYS A 52 2.01 4.47 1.04
C CYS A 52 3.42 3.94 0.99
N SER A 53 4.15 4.23 -0.07
CA SER A 53 5.43 3.55 -0.29
C SER A 53 6.48 4.52 -0.80
N GLY A 54 7.65 4.49 -0.17
CA GLY A 54 8.75 5.33 -0.66
C GLY A 54 9.22 4.95 -2.04
N LEU A 55 9.18 3.63 -2.34
CA LEU A 55 9.60 3.17 -3.67
C LEU A 55 8.63 3.68 -4.74
N PHE A 56 7.31 3.51 -4.52
CA PHE A 56 6.36 3.98 -5.53
C PHE A 56 6.33 5.50 -5.63
N TYR A 57 6.57 6.20 -4.53
CA TYR A 57 6.65 7.68 -4.58
C TYR A 57 7.81 8.09 -5.51
N SER A 58 8.96 7.42 -5.37
N SER A 58 8.96 7.40 -5.38
CA SER A 58 10.08 7.73 -6.25
CA SER A 58 10.14 7.64 -6.22
C SER A 58 9.75 7.37 -7.69
C SER A 58 9.90 7.27 -7.69
N ILE A 59 9.19 6.18 -7.93
CA ILE A 59 8.87 5.74 -9.29
C ILE A 59 7.91 6.69 -10.01
N PHE A 60 6.78 7.02 -9.37
CA PHE A 60 5.76 7.79 -10.09
C PHE A 60 6.01 9.29 -10.08
N THR A 61 7.05 9.77 -9.40
CA THR A 61 7.48 11.17 -9.55
C THR A 61 8.62 11.30 -10.60
N ASP A 62 9.14 10.17 -11.11
CA ASP A 62 10.16 10.22 -12.15
C ASP A 62 9.46 10.65 -13.45
N GLN A 63 10.08 11.57 -14.21
CA GLN A 63 9.49 12.13 -15.42
C GLN A 63 9.23 11.13 -16.55
N LEU A 64 9.92 9.97 -16.57
N LEU A 64 9.89 9.95 -16.52
CA LEU A 64 9.63 8.94 -17.55
CA LEU A 64 9.75 8.90 -17.53
C LEU A 64 8.71 7.86 -16.96
C LEU A 64 8.89 7.73 -17.03
N LYS A 65 9.03 7.35 -15.75
CA LYS A 65 8.26 6.25 -15.16
C LYS A 65 6.86 6.64 -14.74
N CYS A 66 6.60 7.92 -14.50
CA CYS A 66 5.24 8.37 -14.15
C CYS A 66 4.21 7.99 -15.21
N ASN A 67 4.64 7.84 -16.47
CA ASN A 67 3.78 7.53 -17.62
C ASN A 67 3.61 6.04 -17.92
N LEU A 68 4.34 5.18 -17.21
CA LEU A 68 4.23 3.75 -17.45
C LEU A 68 2.94 3.19 -16.89
N SER A 69 2.33 2.26 -17.61
CA SER A 69 1.10 1.59 -17.20
CA SER A 69 1.11 1.61 -17.14
C SER A 69 1.40 0.23 -16.52
N VAL A 70 2.64 -0.25 -16.62
CA VAL A 70 3.08 -1.52 -16.05
C VAL A 70 4.41 -1.30 -15.36
N ILE A 71 4.52 -1.77 -14.10
CA ILE A 71 5.78 -1.69 -13.36
C ILE A 71 6.13 -3.11 -12.95
N ASN A 72 7.34 -3.57 -13.29
CA ASN A 72 7.78 -4.91 -12.93
C ASN A 72 8.68 -4.83 -11.71
N LEU A 73 8.31 -5.53 -10.64
CA LEU A 73 9.15 -5.54 -9.45
C LEU A 73 10.27 -6.57 -9.56
N ASP A 74 11.26 -6.45 -8.66
CA ASP A 74 12.41 -7.36 -8.63
C ASP A 74 11.93 -8.81 -8.52
N PRO A 75 12.52 -9.76 -9.27
CA PRO A 75 12.04 -11.15 -9.22
C PRO A 75 12.17 -11.81 -7.85
N GLU A 76 12.96 -11.24 -6.94
CA GLU A 76 13.07 -11.83 -5.60
C GLU A 76 11.82 -11.51 -4.74
N ILE A 77 10.97 -10.56 -5.18
CA ILE A 77 9.78 -10.21 -4.40
C ILE A 77 8.71 -11.27 -4.44
N ASN A 78 8.21 -11.64 -3.27
CA ASN A 78 7.17 -12.65 -3.14
C ASN A 78 5.80 -12.06 -3.48
N PRO A 79 5.04 -12.66 -4.42
CA PRO A 79 3.71 -12.10 -4.75
C PRO A 79 2.74 -12.06 -3.58
N GLU A 80 2.71 -13.10 -2.71
CA GLU A 80 1.80 -13.07 -1.56
C GLU A 80 2.19 -11.93 -0.61
N GLY A 81 3.48 -11.71 -0.41
CA GLY A 81 3.95 -10.61 0.44
C GLY A 81 3.51 -9.26 -0.14
N PHE A 82 3.62 -9.12 -1.47
CA PHE A 82 3.16 -7.89 -2.11
C PHE A 82 1.64 -7.74 -1.96
N CYS A 83 0.88 -8.81 -2.15
CA CYS A 83 -0.57 -8.78 -2.03
C CYS A 83 -0.99 -8.33 -0.63
N ILE A 84 -0.32 -8.86 0.39
CA ILE A 84 -0.64 -8.50 1.77
C ILE A 84 -0.36 -7.00 2.00
N LEU A 85 0.74 -6.50 1.43
CA LEU A 85 1.07 -5.08 1.59
C LEU A 85 0.13 -4.18 0.81
N LEU A 86 -0.27 -4.61 -0.39
CA LEU A 86 -1.22 -3.81 -1.19
C LEU A 86 -2.57 -3.70 -0.45
N ASP A 87 -3.01 -4.81 0.16
CA ASP A 87 -4.23 -4.79 0.95
C ASP A 87 -4.06 -3.85 2.16
N PHE A 88 -2.89 -3.86 2.81
CA PHE A 88 -2.63 -2.95 3.93
C PHE A 88 -2.69 -1.49 3.43
N MET A 89 -2.10 -1.19 2.26
CA MET A 89 -2.13 0.19 1.75
C MET A 89 -3.57 0.71 1.66
N TYR A 90 -4.48 -0.17 1.17
CA TYR A 90 -5.84 0.22 0.94
C TYR A 90 -6.78 0.04 2.11
N THR A 91 -6.33 -0.54 3.24
CA THR A 91 -7.24 -0.79 4.37
C THR A 91 -6.71 -0.46 5.75
N SER A 92 -5.41 -0.24 5.89
N SER A 92 -5.40 -0.25 5.87
CA SER A 92 -4.71 -0.06 7.20
CA SER A 92 -4.70 -0.06 7.14
C SER A 92 -4.54 -1.39 7.95
C SER A 92 -4.63 -1.36 7.97
N ARG A 93 -5.02 -2.51 7.41
CA ARG A 93 -4.97 -3.80 8.08
C ARG A 93 -3.91 -4.69 7.46
N LEU A 94 -3.03 -5.24 8.28
CA LEU A 94 -1.91 -6.07 7.83
C LEU A 94 -2.12 -7.51 8.30
N ASN A 95 -2.24 -8.44 7.36
CA ASN A 95 -2.44 -9.85 7.70
C ASN A 95 -1.09 -10.51 7.96
N LEU A 96 -0.52 -10.24 9.11
CA LEU A 96 0.79 -10.74 9.48
C LEU A 96 0.66 -12.07 10.20
N ARG A 97 1.32 -13.10 9.67
CA ARG A 97 1.24 -14.47 10.21
C ARG A 97 2.63 -15.06 10.29
N GLU A 98 2.81 -16.12 11.11
CA GLU A 98 4.12 -16.76 11.22
C GLU A 98 4.64 -17.21 9.85
N GLY A 99 3.73 -17.71 9.01
CA GLY A 99 4.10 -18.22 7.69
C GLY A 99 4.40 -17.18 6.62
N ASN A 100 4.06 -15.91 6.88
CA ASN A 100 4.30 -14.87 5.88
C ASN A 100 5.18 -13.73 6.36
N ILE A 101 5.52 -13.68 7.66
CA ILE A 101 6.22 -12.48 8.18
C ILE A 101 7.55 -12.20 7.50
N MET A 102 8.34 -13.24 7.20
CA MET A 102 9.62 -12.97 6.53
C MET A 102 9.45 -12.35 5.16
N ALA A 103 8.49 -12.85 4.37
CA ALA A 103 8.22 -12.32 3.03
C ALA A 103 7.62 -10.91 3.16
N VAL A 104 6.71 -10.71 4.12
CA VAL A 104 6.11 -9.37 4.30
C VAL A 104 7.19 -8.35 4.66
N MET A 105 8.07 -8.69 5.62
CA MET A 105 9.12 -7.75 6.03
C MET A 105 10.07 -7.45 4.86
N ALA A 106 10.52 -8.48 4.10
CA ALA A 106 11.40 -8.23 2.95
C ALA A 106 10.73 -7.34 1.92
N THR A 107 9.43 -7.57 1.69
CA THR A 107 8.71 -6.78 0.70
C THR A 107 8.56 -5.32 1.19
N ALA A 108 8.27 -5.14 2.49
CA ALA A 108 8.09 -3.79 3.03
C ALA A 108 9.43 -3.03 3.02
N MET A 109 10.56 -3.73 3.23
CA MET A 109 11.88 -3.07 3.15
C MET A 109 12.11 -2.59 1.71
N TYR A 110 11.77 -3.42 0.71
CA TYR A 110 11.93 -3.07 -0.70
C TYR A 110 11.00 -1.89 -1.07
N LEU A 111 9.73 -1.98 -0.63
CA LEU A 111 8.76 -0.92 -0.95
C LEU A 111 8.96 0.36 -0.14
N GLN A 112 9.80 0.32 0.92
CA GLN A 112 10.06 1.46 1.80
C GLN A 112 8.79 1.83 2.53
N MET A 113 8.34 0.93 3.40
CA MET A 113 7.16 1.07 4.24
C MET A 113 7.60 0.86 5.69
N GLU A 114 8.18 1.94 6.27
CA GLU A 114 8.83 1.90 7.59
C GLU A 114 8.01 1.36 8.74
N HIS A 115 6.73 1.74 8.84
CA HIS A 115 5.91 1.26 9.95
C HIS A 115 5.69 -0.24 9.89
N VAL A 116 5.52 -0.78 8.66
CA VAL A 116 5.34 -2.22 8.51
C VAL A 116 6.65 -2.93 8.88
N VAL A 117 7.80 -2.42 8.40
CA VAL A 117 9.09 -3.03 8.76
C VAL A 117 9.27 -3.05 10.28
N ASP A 118 8.94 -1.93 10.95
N ASP A 118 8.93 -1.94 10.94
CA ASP A 118 9.05 -1.85 12.40
CA ASP A 118 9.02 -1.81 12.39
C ASP A 118 8.20 -2.90 13.13
C ASP A 118 8.20 -2.87 13.13
N THR A 119 6.91 -3.06 12.76
CA THR A 119 6.07 -4.08 13.45
C THR A 119 6.56 -5.48 13.14
N CYS A 120 7.09 -5.73 11.93
CA CYS A 120 7.63 -7.06 11.60
C CYS A 120 8.81 -7.37 12.48
N ARG A 121 9.72 -6.39 12.63
CA ARG A 121 10.92 -6.57 13.46
C ARG A 121 10.54 -6.88 14.90
N LYS A 122 9.51 -6.19 15.43
CA LYS A 122 9.03 -6.43 16.79
C LYS A 122 8.44 -7.82 16.96
N PHE A 123 7.62 -8.26 15.98
CA PHE A 123 7.01 -9.60 16.08
C PHE A 123 8.06 -10.69 15.98
N ILE A 124 9.08 -10.49 15.14
CA ILE A 124 10.16 -11.48 15.02
C ILE A 124 10.97 -11.53 16.31
N LYS A 125 11.29 -10.35 16.86
CA LYS A 125 12.08 -10.26 18.09
C LYS A 125 11.38 -10.94 19.27
N ALA A 126 10.05 -10.83 19.33
CA ALA A 126 9.26 -11.45 20.40
C ALA A 126 9.32 -12.99 20.36
N SER A 127 9.52 -13.57 19.16
N SER A 127 9.53 -13.58 19.17
CA SER A 127 9.62 -15.02 19.00
CA SER A 127 9.62 -15.03 19.05
C SER A 127 11.06 -15.58 19.11
C SER A 127 11.01 -15.57 19.45
N GLU A 128 12.04 -14.72 19.43
CA GLU A 128 13.41 -15.13 19.69
C GLU A 128 13.59 -15.26 21.21
CA ALA B 1 -18.65 12.80 14.29
C ALA B 1 -17.68 13.95 14.00
N TRP B 2 -18.09 15.16 14.32
CA TRP B 2 -17.27 16.33 14.11
C TRP B 2 -16.63 16.74 15.43
N VAL B 3 -15.39 17.23 15.38
CA VAL B 3 -14.66 17.67 16.58
C VAL B 3 -13.86 18.96 16.32
N ILE B 4 -13.34 19.58 17.41
CA ILE B 4 -12.38 20.66 17.33
C ILE B 4 -11.02 19.96 17.25
N PRO B 5 -10.31 20.02 16.12
CA PRO B 5 -9.05 19.27 16.01
C PRO B 5 -7.91 19.85 16.83
N ALA B 6 -7.06 18.96 17.36
#